data_1OLO
#
_entry.id   1OLO
#
_cell.length_a   190.293
_cell.length_b   190.293
_cell.length_c   190.293
_cell.angle_alpha   90.00
_cell.angle_beta   90.00
_cell.angle_gamma   90.00
#
_symmetry.space_group_name_H-M   'P 43 3 2'
#
loop_
_entity.id
_entity.type
_entity.pdbx_description
1 polymer 'REGULATORY PROTEIN REPA'
2 non-polymer 'SULFATE ION'
3 water water
#
_entity_poly.entity_id   1
_entity_poly.type   'polypeptide(L)'
_entity_poly.pdbx_seq_one_letter_code
;MATHKPINILEAFAAAPPPLDYVLPNMVAGTVGALVSPGGAGKSMLALQLAAQIAGGPDLLEVGELPTGPVIYLPAEDPP
TAIHHRLHALGAHLSAEERQAVADGLLIQPLIGSLPNIMAPEWFDGLKRAAEGRRLMVLDTLRRFHIEEENASGPMAQVI
GRMEAIAADTGCSIVFLHHASKGAAMMGAGDQQQASRGSSVLVDNIRWQSYLSSMTSAEAEEWGVDDDQRRFFVRFGVSK
ANYGAPFADRWFRRHDGGVLKPAVLERQRKSKGVPRGEA
;
_entity_poly.pdbx_strand_id   A,B
#
# COMPACT_ATOMS: atom_id res chain seq x y z
N ALA A 2 4.20 -1.80 -16.84
CA ALA A 2 2.83 -1.79 -17.45
C ALA A 2 2.42 -0.45 -18.12
N THR A 3 1.28 -0.45 -18.81
CA THR A 3 0.74 0.76 -19.45
C THR A 3 -0.79 0.86 -19.34
N HIS A 4 -1.30 1.80 -18.54
CA HIS A 4 -2.70 1.73 -18.15
C HIS A 4 -3.55 2.71 -18.87
N LYS A 5 -4.74 2.29 -19.25
CA LYS A 5 -5.68 3.25 -19.79
C LYS A 5 -6.17 4.10 -18.57
N PRO A 6 -6.60 5.32 -18.77
CA PRO A 6 -7.20 6.10 -17.67
C PRO A 6 -8.40 5.40 -17.05
N ILE A 7 -8.69 5.62 -15.77
CA ILE A 7 -9.89 5.04 -15.22
C ILE A 7 -11.11 5.72 -15.87
N ASN A 8 -12.05 4.90 -16.29
CA ASN A 8 -13.33 5.38 -16.72
C ASN A 8 -14.21 5.58 -15.50
N ILE A 9 -14.35 6.82 -15.06
CA ILE A 9 -15.03 7.11 -13.82
C ILE A 9 -16.55 6.88 -13.83
N LEU A 10 -17.26 7.36 -14.85
CA LEU A 10 -18.72 7.13 -14.94
C LEU A 10 -19.00 5.65 -14.86
N GLU A 11 -18.20 4.88 -15.57
CA GLU A 11 -18.45 3.49 -15.62
C GLU A 11 -18.26 2.86 -14.21
N ALA A 12 -17.21 3.25 -13.48
CA ALA A 12 -16.98 2.76 -12.13
C ALA A 12 -18.07 3.17 -11.11
N PHE A 13 -18.65 4.35 -11.26
CA PHE A 13 -19.76 4.77 -10.43
C PHE A 13 -21.09 4.03 -10.76
N ALA A 14 -21.29 3.70 -12.03
CA ALA A 14 -22.65 3.41 -12.54
C ALA A 14 -22.95 1.95 -12.35
N ALA A 15 -21.89 1.13 -12.24
CA ALA A 15 -22.04 -0.29 -11.96
C ALA A 15 -20.98 -0.87 -11.01
N ALA A 16 -21.45 -1.70 -10.07
CA ALA A 16 -20.66 -2.61 -9.23
C ALA A 16 -19.56 -3.31 -10.00
N PRO A 17 -18.31 -2.97 -9.69
CA PRO A 17 -17.20 -3.68 -10.29
C PRO A 17 -17.33 -5.16 -9.92
N PRO A 18 -16.77 -6.06 -10.73
CA PRO A 18 -16.62 -7.45 -10.29
C PRO A 18 -15.86 -7.42 -8.95
N PRO A 19 -16.13 -8.37 -8.05
CA PRO A 19 -15.40 -8.50 -6.78
C PRO A 19 -13.87 -8.37 -6.92
N LEU A 20 -13.22 -7.85 -5.90
CA LEU A 20 -11.78 -7.85 -5.93
C LEU A 20 -11.31 -9.32 -5.95
N ASP A 21 -10.29 -9.58 -6.75
CA ASP A 21 -9.67 -10.89 -6.81
C ASP A 21 -8.46 -10.93 -5.87
N TYR A 22 -8.55 -11.71 -4.80
CA TYR A 22 -7.46 -11.78 -3.83
C TYR A 22 -6.63 -13.01 -4.04
N VAL A 23 -5.30 -12.85 -4.09
CA VAL A 23 -4.43 -13.96 -4.36
C VAL A 23 -4.17 -14.67 -3.03
N LEU A 24 -4.14 -13.88 -1.96
CA LEU A 24 -3.93 -14.34 -0.59
C LEU A 24 -4.92 -13.51 0.24
N PRO A 25 -5.21 -13.86 1.48
CA PRO A 25 -6.23 -13.11 2.22
C PRO A 25 -5.82 -11.63 2.24
N ASN A 26 -6.71 -10.73 1.77
CA ASN A 26 -6.47 -9.27 1.74
C ASN A 26 -5.38 -8.72 0.80
N MET A 27 -4.85 -9.57 -0.07
CA MET A 27 -3.83 -9.16 -1.01
C MET A 27 -4.49 -9.24 -2.37
N VAL A 28 -4.62 -8.10 -3.03
CA VAL A 28 -5.17 -8.06 -4.38
C VAL A 28 -4.21 -8.71 -5.40
N ALA A 29 -4.76 -9.48 -6.33
CA ALA A 29 -3.99 -10.21 -7.32
C ALA A 29 -3.27 -9.23 -8.28
N GLY A 30 -2.01 -9.51 -8.61
CA GLY A 30 -1.21 -8.67 -9.48
C GLY A 30 -0.39 -7.58 -8.79
N THR A 31 -0.21 -7.74 -7.48
CA THR A 31 0.55 -6.81 -6.69
C THR A 31 1.67 -7.52 -6.00
N VAL A 32 2.44 -6.75 -5.24
CA VAL A 32 3.60 -7.24 -4.52
C VAL A 32 3.29 -7.20 -3.01
N GLY A 33 3.55 -8.28 -2.29
CA GLY A 33 3.34 -8.33 -0.84
C GLY A 33 4.54 -8.92 -0.13
N ALA A 34 4.56 -8.84 1.18
CA ALA A 34 5.71 -9.33 1.93
C ALA A 34 5.30 -10.29 3.01
N LEU A 35 6.13 -11.30 3.23
CA LEU A 35 5.93 -12.15 4.40
C LEU A 35 7.15 -12.03 5.29
N VAL A 36 6.93 -11.57 6.53
CA VAL A 36 8.08 -11.31 7.37
C VAL A 36 8.16 -12.01 8.72
N SER A 37 9.36 -12.42 9.07
CA SER A 37 9.57 -13.08 10.36
C SER A 37 11.07 -13.18 10.59
N PRO A 38 11.47 -13.35 11.84
CA PRO A 38 12.86 -13.74 12.15
C PRO A 38 13.17 -15.05 11.40
N GLY A 39 14.45 -15.22 11.04
CA GLY A 39 14.91 -16.45 10.39
C GLY A 39 14.56 -17.65 11.24
N GLY A 40 14.02 -18.72 10.66
CA GLY A 40 13.67 -19.86 11.49
C GLY A 40 12.21 -19.99 11.92
N ALA A 41 11.41 -18.94 11.77
CA ALA A 41 10.08 -18.93 12.36
C ALA A 41 9.06 -19.76 11.55
N GLY A 42 9.42 -20.14 10.31
CA GLY A 42 8.57 -21.00 9.45
C GLY A 42 8.10 -20.39 8.14
N LYS A 43 8.70 -19.29 7.70
CA LYS A 43 8.30 -18.67 6.44
C LYS A 43 8.27 -19.67 5.25
N SER A 44 9.38 -20.37 5.02
CA SER A 44 9.49 -21.41 3.97
C SER A 44 8.38 -22.42 3.94
N MET A 45 7.95 -22.83 5.12
CA MET A 45 6.94 -23.85 5.22
C MET A 45 5.61 -23.22 4.96
N LEU A 46 5.33 -22.11 5.64
CA LEU A 46 4.10 -21.39 5.38
C LEU A 46 3.94 -21.06 3.86
N ALA A 47 5.00 -20.50 3.27
CA ALA A 47 4.88 -20.02 1.90
C ALA A 47 4.66 -21.26 1.03
N LEU A 48 5.41 -22.34 1.30
CA LEU A 48 5.28 -23.56 0.50
C LEU A 48 3.88 -24.09 0.61
N GLN A 49 3.28 -24.02 1.80
CA GLN A 49 1.90 -24.50 1.96
C GLN A 49 0.86 -23.65 1.22
N LEU A 50 1.08 -22.34 1.24
CA LEU A 50 0.19 -21.40 0.59
C LEU A 50 0.35 -21.52 -0.94
N ALA A 51 1.60 -21.65 -1.39
CA ALA A 51 1.88 -21.90 -2.78
C ALA A 51 1.17 -23.20 -3.24
N ALA A 52 1.18 -24.25 -2.40
CA ALA A 52 0.58 -25.52 -2.79
C ALA A 52 -0.91 -25.40 -2.77
N GLN A 53 -1.44 -24.57 -1.87
CA GLN A 53 -2.90 -24.39 -1.89
C GLN A 53 -3.35 -23.63 -3.15
N ILE A 54 -2.65 -22.56 -3.51
CA ILE A 54 -3.10 -21.78 -4.68
C ILE A 54 -2.88 -22.65 -5.94
N ALA A 55 -1.82 -23.48 -5.94
CA ALA A 55 -1.60 -24.39 -7.08
C ALA A 55 -2.72 -25.39 -7.28
N GLY A 56 -3.52 -25.68 -6.25
CA GLY A 56 -4.63 -26.61 -6.40
C GLY A 56 -4.75 -27.59 -5.25
N GLY A 57 -3.81 -27.53 -4.32
CA GLY A 57 -3.90 -28.36 -3.11
C GLY A 57 -4.99 -28.00 -2.08
N PRO A 58 -5.14 -28.82 -1.05
CA PRO A 58 -6.21 -28.61 -0.04
C PRO A 58 -5.81 -27.47 0.92
N ASP A 59 -6.78 -26.97 1.69
CA ASP A 59 -6.59 -25.81 2.58
C ASP A 59 -6.23 -26.31 3.99
N LEU A 60 -5.02 -26.84 4.13
CA LEU A 60 -4.53 -27.33 5.41
C LEU A 60 -4.40 -26.25 6.47
N LEU A 61 -4.14 -25.01 6.05
CA LEU A 61 -3.95 -23.93 6.99
C LEU A 61 -5.28 -23.38 7.46
N GLU A 62 -6.37 -23.82 6.80
CA GLU A 62 -7.72 -23.29 7.01
C GLU A 62 -7.75 -21.74 7.00
N VAL A 63 -7.06 -21.14 6.04
CA VAL A 63 -7.16 -19.72 5.82
C VAL A 63 -8.34 -19.37 4.87
N GLY A 64 -9.16 -20.35 4.47
CA GLY A 64 -10.26 -20.09 3.51
C GLY A 64 -9.91 -20.56 2.11
N GLU A 65 -10.90 -20.78 1.24
CA GLU A 65 -10.66 -21.20 -0.17
C GLU A 65 -10.03 -20.04 -0.97
N LEU A 66 -8.98 -20.34 -1.73
CA LEU A 66 -8.28 -19.33 -2.51
C LEU A 66 -8.39 -19.67 -3.96
N PRO A 67 -8.57 -18.69 -4.83
CA PRO A 67 -8.57 -18.98 -6.28
C PRO A 67 -7.31 -19.77 -6.63
N THR A 68 -7.40 -20.66 -7.62
CA THR A 68 -6.19 -21.42 -7.96
C THR A 68 -5.59 -20.88 -9.23
N GLY A 69 -4.30 -21.18 -9.43
CA GLY A 69 -3.65 -20.85 -10.70
C GLY A 69 -2.21 -21.28 -10.53
N PRO A 70 -1.45 -21.26 -11.63
CA PRO A 70 -0.08 -21.74 -11.61
C PRO A 70 0.78 -20.91 -10.61
N VAL A 71 1.64 -21.56 -9.82
CA VAL A 71 2.50 -20.89 -8.85
C VAL A 71 3.93 -21.29 -9.18
N ILE A 72 4.84 -20.38 -8.95
CA ILE A 72 6.25 -20.67 -9.09
C ILE A 72 6.91 -20.16 -7.81
N TYR A 73 7.72 -21.04 -7.24
CA TYR A 73 8.30 -20.86 -5.97
C TYR A 73 9.81 -20.88 -6.18
N LEU A 74 10.49 -19.83 -5.73
CA LEU A 74 11.91 -19.73 -5.93
C LEU A 74 12.69 -19.65 -4.61
N PRO A 75 13.02 -20.82 -4.04
CA PRO A 75 13.89 -20.89 -2.86
C PRO A 75 15.37 -20.67 -3.27
N ALA A 76 15.99 -19.64 -2.69
CA ALA A 76 17.37 -19.30 -3.00
C ALA A 76 18.34 -19.56 -1.84
N GLU A 77 17.83 -20.07 -0.71
CA GLU A 77 18.65 -20.25 0.50
C GLU A 77 18.78 -21.70 0.98
N ASP A 78 17.83 -22.51 0.59
CA ASP A 78 17.73 -23.86 1.07
C ASP A 78 18.18 -24.77 -0.05
N PRO A 79 19.02 -25.73 0.28
CA PRO A 79 19.47 -26.70 -0.73
C PRO A 79 18.30 -27.63 -1.13
N PRO A 80 18.30 -28.09 -2.39
CA PRO A 80 17.38 -29.13 -2.82
C PRO A 80 17.09 -30.21 -1.73
N THR A 81 18.09 -30.73 -1.04
CA THR A 81 17.83 -31.83 -0.10
C THR A 81 16.79 -31.40 0.92
N ALA A 82 16.92 -30.16 1.41
CA ALA A 82 16.07 -29.62 2.45
C ALA A 82 14.70 -29.38 1.91
N ILE A 83 14.60 -28.89 0.66
CA ILE A 83 13.32 -28.70 0.01
C ILE A 83 12.60 -30.03 -0.17
N HIS A 84 13.32 -31.09 -0.60
CA HIS A 84 12.76 -32.46 -0.67
C HIS A 84 12.14 -32.90 0.67
N HIS A 85 12.87 -32.71 1.76
CA HIS A 85 12.37 -32.97 3.13
C HIS A 85 11.07 -32.17 3.45
N ARG A 86 11.04 -30.89 3.12
CA ARG A 86 9.90 -30.03 3.47
C ARG A 86 8.69 -30.60 2.62
N LEU A 87 8.94 -30.86 1.33
CA LEU A 87 7.87 -31.36 0.43
C LEU A 87 7.36 -32.74 0.85
N HIS A 88 8.28 -33.65 1.18
CA HIS A 88 7.84 -34.93 1.62
C HIS A 88 6.95 -34.87 2.87
N ALA A 89 7.30 -33.99 3.82
CA ALA A 89 6.53 -33.89 5.06
C ALA A 89 5.11 -33.41 4.73
N LEU A 90 5.00 -32.38 3.89
CA LEU A 90 3.73 -31.87 3.42
C LEU A 90 2.95 -32.95 2.69
N GLY A 91 3.67 -33.69 1.82
CA GLY A 91 3.13 -34.83 1.08
C GLY A 91 2.35 -35.80 1.93
N ALA A 92 2.81 -36.07 3.15
CA ALA A 92 2.11 -37.01 4.01
C ALA A 92 0.69 -36.53 4.41
N HIS A 93 0.39 -35.26 4.19
CA HIS A 93 -0.96 -34.78 4.47
C HIS A 93 -1.89 -34.85 3.24
N LEU A 94 -1.32 -35.22 2.09
CA LEU A 94 -2.00 -35.16 0.82
C LEU A 94 -2.37 -36.54 0.20
N SER A 95 -3.61 -36.65 -0.25
CA SER A 95 -4.03 -37.85 -1.03
C SER A 95 -3.28 -37.85 -2.39
N ALA A 96 -3.31 -38.97 -3.12
CA ALA A 96 -2.76 -38.99 -4.47
C ALA A 96 -3.29 -37.87 -5.36
N GLU A 97 -4.60 -37.61 -5.31
CA GLU A 97 -5.23 -36.61 -6.13
C GLU A 97 -4.69 -35.23 -5.73
N GLU A 98 -4.54 -35.00 -4.45
CA GLU A 98 -4.06 -33.70 -4.04
C GLU A 98 -2.62 -33.49 -4.44
N ARG A 99 -1.82 -34.57 -4.38
CA ARG A 99 -0.43 -34.56 -4.81
C ARG A 99 -0.38 -34.20 -6.30
N GLN A 100 -1.23 -34.84 -7.08
CA GLN A 100 -1.30 -34.54 -8.50
C GLN A 100 -1.64 -33.07 -8.73
N ALA A 101 -2.69 -32.56 -8.06
CA ALA A 101 -3.16 -31.19 -8.28
C ALA A 101 -2.00 -30.22 -8.02
N VAL A 102 -1.29 -30.42 -6.91
CA VAL A 102 -0.16 -29.58 -6.54
C VAL A 102 0.96 -29.68 -7.58
N ALA A 103 1.31 -30.88 -8.00
CA ALA A 103 2.39 -30.97 -8.97
C ALA A 103 2.00 -30.35 -10.30
N ASP A 104 0.71 -30.38 -10.66
CA ASP A 104 0.29 -29.76 -11.92
C ASP A 104 0.40 -28.27 -11.84
N GLY A 105 0.25 -27.66 -10.65
CA GLY A 105 0.15 -26.24 -10.53
C GLY A 105 1.36 -25.51 -9.97
N LEU A 106 2.31 -26.23 -9.34
CA LEU A 106 3.48 -25.67 -8.68
C LEU A 106 4.79 -25.99 -9.41
N LEU A 107 5.58 -24.97 -9.70
CA LEU A 107 6.90 -25.19 -10.17
C LEU A 107 7.82 -24.66 -9.04
N ILE A 108 8.80 -25.47 -8.66
CA ILE A 108 9.79 -25.03 -7.71
C ILE A 108 11.15 -25.03 -8.38
N GLN A 109 11.76 -23.84 -8.49
CA GLN A 109 13.02 -23.69 -9.19
C GLN A 109 14.08 -23.31 -8.17
N PRO A 110 14.89 -24.25 -7.68
CA PRO A 110 15.96 -23.93 -6.72
C PRO A 110 16.98 -22.96 -7.29
N LEU A 111 17.50 -22.10 -6.41
CA LEU A 111 18.33 -21.00 -6.81
C LEU A 111 19.54 -20.85 -5.87
N ILE A 112 19.76 -21.85 -4.98
CA ILE A 112 20.88 -21.70 -4.04
C ILE A 112 22.20 -21.63 -4.83
N GLY A 113 23.00 -20.63 -4.54
CA GLY A 113 24.24 -20.50 -5.24
C GLY A 113 24.14 -19.84 -6.62
N SER A 114 22.93 -19.52 -7.12
CA SER A 114 22.76 -18.97 -8.44
C SER A 114 22.93 -17.49 -8.47
N LEU A 115 22.74 -16.85 -7.30
CA LEU A 115 22.96 -15.43 -7.16
C LEU A 115 22.09 -14.57 -8.13
N PRO A 116 20.79 -14.82 -8.14
CA PRO A 116 19.89 -14.05 -9.01
C PRO A 116 19.99 -12.59 -8.56
N ASN A 117 19.94 -11.62 -9.49
CA ASN A 117 20.03 -10.19 -9.14
C ASN A 117 18.98 -9.44 -9.99
N ILE A 118 17.88 -9.06 -9.38
CA ILE A 118 16.78 -8.42 -10.11
C ILE A 118 17.16 -7.10 -10.79
N MET A 119 18.26 -6.46 -10.33
CA MET A 119 18.78 -5.24 -10.94
C MET A 119 19.61 -5.50 -12.19
N ALA A 120 19.92 -6.75 -12.47
CA ALA A 120 20.61 -7.12 -13.70
C ALA A 120 19.56 -7.49 -14.78
N PRO A 121 19.71 -6.93 -15.99
CA PRO A 121 18.73 -7.15 -17.08
C PRO A 121 18.44 -8.64 -17.40
N GLU A 122 19.46 -9.49 -17.49
CA GLU A 122 19.30 -10.95 -17.66
C GLU A 122 18.36 -11.55 -16.62
N TRP A 123 18.50 -11.17 -15.35
CA TRP A 123 17.67 -11.74 -14.29
C TRP A 123 16.32 -11.07 -14.26
N PHE A 124 16.28 -9.76 -14.46
CA PHE A 124 14.99 -9.14 -14.60
C PHE A 124 14.13 -9.85 -15.71
N ASP A 125 14.71 -10.04 -16.91
CA ASP A 125 13.97 -10.69 -18.00
C ASP A 125 13.61 -12.09 -17.63
N GLY A 126 14.54 -12.84 -17.05
CA GLY A 126 14.29 -14.22 -16.66
C GLY A 126 13.13 -14.33 -15.66
N LEU A 127 13.10 -13.45 -14.66
CA LEU A 127 12.00 -13.49 -13.71
C LEU A 127 10.70 -13.09 -14.34
N LYS A 128 10.76 -12.12 -15.24
CA LYS A 128 9.55 -11.74 -15.90
C LYS A 128 9.05 -12.89 -16.74
N ARG A 129 9.90 -13.58 -17.51
CA ARG A 129 9.37 -14.68 -18.29
C ARG A 129 8.84 -15.80 -17.39
N ALA A 130 9.46 -15.99 -16.22
CA ALA A 130 8.95 -17.03 -15.32
C ALA A 130 7.57 -16.63 -14.74
N ALA A 131 7.26 -15.34 -14.72
CA ALA A 131 6.01 -14.93 -14.07
C ALA A 131 4.86 -15.05 -15.08
N GLU A 132 5.21 -15.07 -16.35
CA GLU A 132 4.23 -15.02 -17.39
C GLU A 132 3.27 -16.19 -17.31
N GLY A 133 1.98 -15.90 -17.36
CA GLY A 133 0.95 -16.89 -17.24
C GLY A 133 0.76 -17.46 -15.84
N ARG A 134 1.49 -17.02 -14.82
CA ARG A 134 1.33 -17.55 -13.46
C ARG A 134 0.52 -16.62 -12.56
N ARG A 135 -0.06 -17.16 -11.49
CA ARG A 135 -0.83 -16.40 -10.56
C ARG A 135 0.04 -15.89 -9.36
N LEU A 136 1.02 -16.68 -8.89
CA LEU A 136 1.84 -16.34 -7.73
C LEU A 136 3.28 -16.70 -8.01
N MET A 137 4.18 -15.81 -7.58
CA MET A 137 5.61 -16.02 -7.61
C MET A 137 6.09 -15.73 -6.18
N VAL A 138 6.86 -16.67 -5.59
CA VAL A 138 7.34 -16.53 -4.24
C VAL A 138 8.88 -16.51 -4.27
N LEU A 139 9.43 -15.43 -3.71
CA LEU A 139 10.87 -15.17 -3.66
C LEU A 139 11.29 -15.42 -2.23
N ASP A 140 12.10 -16.47 -2.03
CA ASP A 140 12.43 -16.90 -0.72
C ASP A 140 13.94 -16.92 -0.48
N THR A 141 14.55 -15.91 0.15
CA THR A 141 13.97 -14.62 0.52
C THR A 141 14.52 -13.52 -0.36
N LEU A 142 13.96 -12.35 -0.19
CA LEU A 142 14.36 -11.22 -1.01
C LEU A 142 15.86 -10.99 -0.93
N ARG A 143 16.48 -11.28 0.21
CA ARG A 143 17.89 -10.94 0.41
C ARG A 143 18.79 -11.56 -0.71
N ARG A 144 18.29 -12.63 -1.29
CA ARG A 144 19.06 -13.35 -2.29
C ARG A 144 18.78 -12.95 -3.74
N PHE A 145 17.88 -11.98 -3.95
CA PHE A 145 17.53 -11.52 -5.27
C PHE A 145 18.07 -10.16 -5.59
N HIS A 146 18.96 -9.65 -4.77
CA HIS A 146 19.51 -8.33 -5.00
C HIS A 146 20.78 -8.15 -4.18
N ILE A 147 21.64 -7.23 -4.59
CA ILE A 147 22.89 -6.99 -3.87
C ILE A 147 22.98 -5.57 -3.30
N GLU A 148 21.82 -4.97 -3.02
CA GLU A 148 21.78 -3.63 -2.44
C GLU A 148 21.69 -3.70 -0.94
N GLU A 149 21.81 -2.52 -0.34
CA GLU A 149 21.66 -2.30 1.07
C GLU A 149 20.15 -2.26 1.40
N GLU A 150 19.68 -3.17 2.27
CA GLU A 150 18.26 -3.30 2.62
C GLU A 150 17.65 -2.15 3.43
N ASN A 151 18.49 -1.25 3.91
CA ASN A 151 17.98 -0.11 4.62
C ASN A 151 18.34 1.17 3.89
N ALA A 152 18.72 1.01 2.63
CA ALA A 152 18.87 2.12 1.68
C ALA A 152 17.57 2.24 0.85
N SER A 153 16.77 3.29 1.13
CA SER A 153 15.43 3.41 0.58
C SER A 153 15.42 3.55 -0.93
N GLY A 154 16.40 4.28 -1.44
CA GLY A 154 16.53 4.48 -2.88
C GLY A 154 16.67 3.15 -3.62
N PRO A 155 17.77 2.42 -3.36
CA PRO A 155 17.97 1.10 -4.01
C PRO A 155 16.84 0.15 -3.77
N MET A 156 16.28 0.13 -2.55
CA MET A 156 15.14 -0.74 -2.32
C MET A 156 13.85 -0.36 -3.11
N ALA A 157 13.68 0.94 -3.39
CA ALA A 157 12.57 1.40 -4.20
C ALA A 157 12.77 0.79 -5.63
N GLN A 158 14.02 0.74 -6.10
CA GLN A 158 14.29 0.18 -7.38
C GLN A 158 13.98 -1.30 -7.43
N VAL A 159 14.44 -2.03 -6.42
CA VAL A 159 14.19 -3.48 -6.32
C VAL A 159 12.71 -3.76 -6.27
N ILE A 160 12.00 -3.03 -5.42
CA ILE A 160 10.58 -3.20 -5.33
C ILE A 160 9.82 -2.73 -6.58
N GLY A 161 10.25 -1.62 -7.17
CA GLY A 161 9.70 -1.19 -8.43
C GLY A 161 9.75 -2.24 -9.51
N ARG A 162 10.88 -2.92 -9.58
CA ARG A 162 11.01 -4.01 -10.51
C ARG A 162 10.06 -5.18 -10.31
N MET A 163 9.75 -5.55 -9.08
CA MET A 163 8.77 -6.61 -8.81
C MET A 163 7.40 -6.09 -9.21
N GLU A 164 7.16 -4.81 -8.91
CA GLU A 164 5.85 -4.23 -9.24
C GLU A 164 5.65 -4.18 -10.72
N ALA A 165 6.71 -3.91 -11.49
CA ALA A 165 6.56 -3.92 -12.94
C ALA A 165 6.23 -5.33 -13.39
N ILE A 166 6.95 -6.33 -12.85
CA ILE A 166 6.73 -7.68 -13.28
C ILE A 166 5.28 -8.07 -12.96
N ALA A 167 4.84 -7.78 -11.72
CA ALA A 167 3.49 -8.15 -11.32
C ALA A 167 2.43 -7.48 -12.20
N ALA A 168 2.59 -6.18 -12.46
CA ALA A 168 1.66 -5.45 -13.33
C ALA A 168 1.70 -5.87 -14.80
N ASP A 169 2.88 -6.13 -15.39
CA ASP A 169 2.90 -6.57 -16.81
C ASP A 169 2.26 -7.95 -16.95
N THR A 170 2.50 -8.87 -16.02
CA THR A 170 2.14 -10.26 -16.27
C THR A 170 0.87 -10.66 -15.57
N GLY A 171 0.43 -9.92 -14.56
CA GLY A 171 -0.71 -10.34 -13.76
C GLY A 171 -0.32 -11.27 -12.62
N CYS A 172 0.91 -11.74 -12.60
CA CYS A 172 1.37 -12.63 -11.54
C CYS A 172 1.69 -11.87 -10.24
N SER A 173 1.06 -12.22 -9.11
CA SER A 173 1.40 -11.59 -7.83
C SER A 173 2.80 -12.01 -7.42
N ILE A 174 3.54 -11.14 -6.72
CA ILE A 174 4.81 -11.55 -6.11
C ILE A 174 4.74 -11.42 -4.58
N VAL A 175 4.99 -12.51 -3.87
CA VAL A 175 5.26 -12.38 -2.46
C VAL A 175 6.76 -12.64 -2.20
N PHE A 176 7.44 -11.71 -1.52
CA PHE A 176 8.81 -12.00 -1.13
C PHE A 176 8.80 -12.24 0.37
N LEU A 177 9.71 -13.08 0.85
CA LEU A 177 9.79 -13.33 2.22
C LEU A 177 10.96 -12.48 2.69
N HIS A 178 10.97 -12.11 3.96
CA HIS A 178 12.00 -11.27 4.46
C HIS A 178 12.34 -11.67 5.90
N HIS A 179 13.63 -11.89 6.20
CA HIS A 179 14.10 -12.17 7.57
C HIS A 179 14.18 -10.84 8.36
N ALA A 180 13.47 -10.72 9.47
CA ALA A 180 13.40 -9.45 10.26
C ALA A 180 14.72 -9.32 10.99
N VAL A 201 11.59 -0.33 6.23
CA VAL A 201 11.92 0.47 5.03
C VAL A 201 11.48 -0.35 3.84
N LEU A 202 11.88 -1.60 3.89
CA LEU A 202 11.37 -2.60 2.97
C LEU A 202 9.88 -2.82 3.21
N VAL A 203 9.38 -2.47 4.39
CA VAL A 203 8.00 -2.77 4.69
C VAL A 203 7.13 -1.53 4.59
N ASP A 204 7.69 -0.35 4.90
CA ASP A 204 6.94 0.91 4.78
C ASP A 204 6.22 1.20 3.46
N ASN A 205 6.73 0.68 2.35
CA ASN A 205 6.19 0.94 1.04
C ASN A 205 5.74 -0.35 0.31
N ILE A 206 5.42 -1.39 1.06
CA ILE A 206 4.74 -2.55 0.50
C ILE A 206 3.32 -2.43 1.02
N ARG A 207 2.32 -2.63 0.17
CA ARG A 207 0.94 -2.44 0.57
C ARG A 207 0.29 -3.61 1.36
N TRP A 208 0.77 -4.84 1.17
CA TRP A 208 0.34 -6.03 1.95
C TRP A 208 1.51 -6.64 2.67
N GLN A 209 1.33 -6.91 3.95
CA GLN A 209 2.39 -7.42 4.80
C GLN A 209 1.81 -8.46 5.74
N SER A 210 2.32 -9.67 5.71
CA SER A 210 1.92 -10.65 6.70
C SER A 210 3.14 -11.06 7.51
N TYR A 211 2.93 -11.71 8.63
CA TYR A 211 4.04 -12.07 9.50
C TYR A 211 3.84 -13.45 10.12
N LEU A 212 4.95 -13.98 10.59
CA LEU A 212 4.95 -15.14 11.44
C LEU A 212 5.72 -14.75 12.69
N SER A 213 5.22 -15.21 13.83
CA SER A 213 5.82 -14.95 15.09
C SER A 213 5.82 -16.20 15.98
N SER A 214 7.02 -16.71 16.31
CA SER A 214 7.15 -17.83 17.24
C SER A 214 6.52 -17.46 18.58
N MET A 215 5.72 -18.39 19.12
CA MET A 215 5.09 -18.20 20.40
C MET A 215 6.17 -17.96 21.45
N THR A 216 5.99 -16.87 22.22
CA THR A 216 6.88 -16.48 23.33
C THR A 216 6.45 -17.09 24.69
N SER A 217 7.30 -16.95 25.70
CA SER A 217 6.93 -17.42 27.03
C SER A 217 5.62 -16.78 27.53
N ALA A 218 5.53 -15.46 27.37
CA ALA A 218 4.34 -14.69 27.75
C ALA A 218 3.08 -15.26 27.10
N GLU A 219 3.18 -15.55 25.79
CA GLU A 219 2.04 -16.06 25.01
C GLU A 219 1.68 -17.50 25.36
N ALA A 220 2.70 -18.29 25.66
CA ALA A 220 2.52 -19.64 26.12
C ALA A 220 1.67 -19.65 27.39
N GLU A 221 1.99 -18.75 28.30
CA GLU A 221 1.22 -18.61 29.52
C GLU A 221 -0.22 -18.15 29.22
N GLU A 222 -0.37 -17.20 28.30
CA GLU A 222 -1.67 -16.70 27.82
C GLU A 222 -2.59 -17.80 27.31
N TRP A 223 -2.02 -18.75 26.56
CA TRP A 223 -2.79 -19.83 25.95
C TRP A 223 -2.60 -21.19 26.63
N GLY A 224 -2.19 -21.17 27.90
CA GLY A 224 -1.97 -22.37 28.71
C GLY A 224 -1.09 -23.46 28.11
N VAL A 225 -0.12 -23.10 27.29
CA VAL A 225 0.82 -24.05 26.69
C VAL A 225 2.07 -24.06 27.59
N ASP A 226 2.63 -25.23 27.90
CA ASP A 226 3.86 -25.32 28.71
C ASP A 226 5.02 -24.72 27.92
N ASP A 227 5.93 -24.06 28.62
CA ASP A 227 7.14 -23.47 28.03
C ASP A 227 7.97 -24.39 27.13
N ASP A 228 8.25 -25.61 27.59
CA ASP A 228 9.02 -26.59 26.81
C ASP A 228 8.29 -26.99 25.51
N GLN A 229 7.02 -26.59 25.38
CA GLN A 229 6.17 -26.82 24.18
C GLN A 229 6.00 -25.61 23.24
N ARG A 230 6.29 -24.39 23.71
CA ARG A 230 5.99 -23.23 22.85
C ARG A 230 6.62 -23.29 21.47
N ARG A 231 7.79 -23.95 21.36
CA ARG A 231 8.46 -24.02 20.07
C ARG A 231 7.70 -24.82 19.01
N PHE A 232 6.58 -25.42 19.39
CA PHE A 232 5.70 -26.07 18.45
C PHE A 232 4.62 -25.12 17.89
N PHE A 233 4.61 -23.86 18.36
CA PHE A 233 3.54 -22.94 18.01
C PHE A 233 4.03 -21.66 17.40
N VAL A 234 3.33 -21.23 16.37
CA VAL A 234 3.67 -19.99 15.66
C VAL A 234 2.40 -19.20 15.34
N ARG A 235 2.49 -17.88 15.42
CA ARG A 235 1.35 -17.00 15.13
C ARG A 235 1.45 -16.41 13.76
N PHE A 236 0.33 -16.40 13.05
CA PHE A 236 0.33 -15.87 11.71
C PHE A 236 -0.68 -14.74 11.61
N GLY A 237 -0.32 -13.69 10.90
CA GLY A 237 -1.24 -12.58 10.74
C GLY A 237 -0.97 -11.71 9.53
N VAL A 238 -1.96 -10.88 9.19
CA VAL A 238 -1.80 -9.82 8.19
C VAL A 238 -1.69 -8.52 8.95
N SER A 239 -0.51 -7.89 8.96
CA SER A 239 -0.34 -6.68 9.75
C SER A 239 -0.56 -5.43 8.92
N LYS A 240 -0.49 -5.52 7.61
CA LYS A 240 -0.88 -4.37 6.78
C LYS A 240 -1.61 -4.82 5.53
N ALA A 241 -2.73 -4.16 5.22
CA ALA A 241 -3.43 -4.38 3.95
C ALA A 241 -4.36 -3.20 3.70
N ASN A 242 -4.82 -3.01 2.46
CA ASN A 242 -5.74 -1.91 2.23
C ASN A 242 -7.14 -2.34 2.65
N TYR A 243 -8.03 -1.36 2.90
CA TYR A 243 -9.40 -1.66 3.37
C TYR A 243 -10.01 -2.97 2.80
N GLY A 244 -10.81 -3.67 3.62
CA GLY A 244 -11.25 -5.02 3.28
C GLY A 244 -11.67 -5.86 4.47
N ALA A 245 -12.05 -7.13 4.22
CA ALA A 245 -12.61 -8.00 5.26
C ALA A 245 -11.49 -8.26 6.25
N PRO A 246 -11.72 -8.10 7.56
CA PRO A 246 -10.61 -8.26 8.52
C PRO A 246 -10.20 -9.76 8.53
N PHE A 247 -8.91 -10.02 8.72
CA PHE A 247 -8.39 -11.38 8.78
C PHE A 247 -7.80 -11.62 10.19
N ALA A 248 -8.41 -12.52 10.96
CA ALA A 248 -7.92 -12.83 12.32
C ALA A 248 -6.57 -13.56 12.34
N ASP A 249 -5.74 -13.16 13.28
CA ASP A 249 -4.54 -13.87 13.69
C ASP A 249 -4.85 -15.32 14.03
N ARG A 250 -4.06 -16.24 13.48
CA ARG A 250 -4.20 -17.68 13.61
C ARG A 250 -3.03 -18.19 14.42
N TRP A 251 -3.27 -19.19 15.24
CA TRP A 251 -2.20 -20.01 15.74
C TRP A 251 -2.11 -21.26 14.90
N PHE A 252 -0.88 -21.58 14.50
CA PHE A 252 -0.54 -22.87 13.92
C PHE A 252 0.32 -23.74 14.83
N ARG A 253 0.07 -25.06 14.78
CA ARG A 253 0.97 -26.07 15.37
C ARG A 253 1.92 -26.55 14.31
N ARG A 254 3.17 -26.77 14.70
CA ARG A 254 4.13 -27.37 13.81
C ARG A 254 4.15 -28.86 14.02
N HIS A 255 3.69 -29.60 13.01
CA HIS A 255 3.81 -31.06 13.00
C HIS A 255 5.17 -31.47 12.44
N ASP A 256 5.38 -32.75 12.18
CA ASP A 256 6.68 -33.25 11.71
C ASP A 256 7.13 -32.58 10.44
N GLY A 257 8.44 -32.33 10.34
CA GLY A 257 9.00 -31.66 9.18
C GLY A 257 8.56 -30.21 9.17
N GLY A 258 7.86 -29.79 10.23
CA GLY A 258 7.43 -28.42 10.28
C GLY A 258 6.10 -28.10 9.64
N VAL A 259 5.34 -29.08 9.14
CA VAL A 259 4.05 -28.77 8.52
C VAL A 259 3.14 -28.04 9.55
N LEU A 260 2.51 -26.98 9.07
CA LEU A 260 1.71 -26.11 9.91
C LEU A 260 0.25 -26.42 9.72
N LYS A 261 -0.49 -26.48 10.83
CA LYS A 261 -1.92 -26.78 10.82
C LYS A 261 -2.55 -25.99 11.95
N PRO A 262 -3.85 -25.70 11.87
CA PRO A 262 -4.51 -24.94 12.96
C PRO A 262 -4.22 -25.59 14.32
N ALA A 263 -3.98 -24.72 15.31
CA ALA A 263 -3.64 -25.14 16.65
C ALA A 263 -4.92 -25.10 17.45
N VAL A 264 -5.05 -26.00 18.42
CA VAL A 264 -6.26 -26.08 19.21
C VAL A 264 -5.92 -25.54 20.60
N LEU A 265 -6.15 -24.24 20.81
CA LEU A 265 -5.66 -23.56 22.02
C LEU A 265 -6.73 -22.78 22.74
N GLU A 266 -6.86 -22.98 24.06
CA GLU A 266 -7.84 -22.22 24.84
C GLU A 266 -7.24 -20.98 25.52
N ARG A 267 -7.85 -19.81 25.27
CA ARG A 267 -7.47 -18.57 25.93
C ARG A 267 -7.51 -18.60 27.47
N GLN A 268 -6.53 -17.98 28.14
CA GLN A 268 -6.54 -17.91 29.64
C GLN A 268 -6.58 -16.49 30.25
N ARG A 269 -7.16 -16.41 31.44
CA ARG A 269 -7.32 -15.15 32.18
C ARG A 269 -6.49 -15.13 33.49
N LYS A 270 -6.50 -14.02 34.24
CA LYS A 270 -5.45 -13.76 35.21
C LYS A 270 -5.97 -12.87 36.33
N ALA B 2 8.98 28.79 -12.23
CA ALA B 2 10.39 28.70 -12.72
C ALA B 2 11.16 30.04 -13.04
N THR B 3 10.59 31.05 -13.75
CA THR B 3 11.24 32.40 -13.89
C THR B 3 10.27 33.58 -13.62
N HIS B 4 10.71 34.57 -12.83
CA HIS B 4 9.82 35.58 -12.34
C HIS B 4 10.39 36.97 -12.54
N LYS B 5 9.50 37.91 -12.82
CA LYS B 5 9.80 39.33 -12.75
C LYS B 5 9.95 39.77 -11.26
N PRO B 6 10.71 40.83 -11.01
CA PRO B 6 10.83 41.34 -9.65
C PRO B 6 9.48 41.82 -9.16
N ILE B 7 9.17 41.69 -7.88
CA ILE B 7 7.91 42.24 -7.38
C ILE B 7 7.82 43.73 -7.66
N ASN B 8 6.67 44.20 -8.16
CA ASN B 8 6.42 45.64 -8.14
C ASN B 8 6.01 46.04 -6.71
N ILE B 9 6.93 46.64 -5.96
CA ILE B 9 6.68 46.86 -4.55
C ILE B 9 5.54 47.87 -4.34
N LEU B 10 5.61 49.00 -5.04
CA LEU B 10 4.66 50.08 -4.84
C LEU B 10 3.24 49.55 -5.16
N GLU B 11 3.17 48.68 -6.16
CA GLU B 11 1.91 48.13 -6.53
C GLU B 11 1.39 47.13 -5.47
N ALA B 12 2.27 46.33 -4.88
CA ALA B 12 1.86 45.46 -3.77
C ALA B 12 1.38 46.28 -2.54
N PHE B 13 1.95 47.45 -2.27
CA PHE B 13 1.40 48.27 -1.21
C PHE B 13 0.02 48.87 -1.57
N ALA B 14 -0.13 49.29 -2.83
CA ALA B 14 -1.25 50.12 -3.23
C ALA B 14 -2.44 49.18 -3.55
N ALA B 15 -2.18 48.04 -4.20
CA ALA B 15 -3.30 47.15 -4.60
C ALA B 15 -3.93 46.49 -3.39
N ALA B 16 -5.28 46.42 -3.37
CA ALA B 16 -6.09 45.91 -2.24
C ALA B 16 -5.69 44.52 -1.74
N PRO B 17 -6.00 44.28 -0.44
CA PRO B 17 -5.64 43.01 0.26
C PRO B 17 -6.33 41.82 -0.46
N PRO B 18 -5.62 41.11 -1.34
CA PRO B 18 -6.28 40.14 -2.25
C PRO B 18 -6.28 38.65 -1.72
N PRO B 19 -7.40 37.89 -1.59
CA PRO B 19 -7.40 36.75 -0.63
C PRO B 19 -6.43 35.70 -1.12
N LEU B 20 -5.66 35.11 -0.25
CA LEU B 20 -4.89 33.94 -0.66
C LEU B 20 -5.82 32.87 -1.22
N ASP B 21 -5.30 32.16 -2.20
CA ASP B 21 -6.06 31.17 -2.87
C ASP B 21 -5.61 29.82 -2.33
N TYR B 22 -6.49 29.16 -1.56
CA TYR B 22 -6.08 27.87 -0.96
C TYR B 22 -6.57 26.66 -1.77
N VAL B 23 -5.62 25.87 -2.33
CA VAL B 23 -5.98 24.65 -3.08
C VAL B 23 -6.67 23.62 -2.17
N LEU B 24 -6.12 23.47 -0.96
CA LEU B 24 -6.62 22.68 0.18
C LEU B 24 -6.48 23.57 1.42
N PRO B 25 -7.16 23.21 2.48
CA PRO B 25 -7.18 24.05 3.67
C PRO B 25 -5.76 24.43 4.06
N ASN B 26 -5.49 25.74 4.05
CA ASN B 26 -4.20 26.34 4.40
C ASN B 26 -3.03 26.02 3.47
N MET B 27 -3.30 25.38 2.34
CA MET B 27 -2.28 25.18 1.30
C MET B 27 -2.43 26.21 0.15
N VAL B 28 -1.39 27.01 -0.05
CA VAL B 28 -1.42 28.07 -1.06
C VAL B 28 -1.35 27.40 -2.43
N ALA B 29 -2.27 27.77 -3.31
CA ALA B 29 -2.31 27.19 -4.66
C ALA B 29 -1.01 27.51 -5.39
N GLY B 30 -0.53 26.56 -6.20
CA GLY B 30 0.64 26.80 -7.00
C GLY B 30 1.89 26.28 -6.31
N THR B 31 1.74 25.51 -5.22
CA THR B 31 2.91 25.07 -4.45
C THR B 31 2.85 23.56 -4.26
N VAL B 32 3.76 23.03 -3.47
CA VAL B 32 3.84 21.63 -3.15
C VAL B 32 3.46 21.34 -1.68
N GLY B 33 2.65 20.31 -1.42
CA GLY B 33 2.32 19.94 -0.05
C GLY B 33 2.34 18.42 0.13
N ALA B 34 2.20 17.98 1.38
CA ALA B 34 2.33 16.59 1.68
C ALA B 34 1.16 16.15 2.55
N LEU B 35 0.67 14.92 2.24
CA LEU B 35 -0.23 14.16 3.07
C LEU B 35 0.55 12.94 3.60
N VAL B 36 0.72 12.88 4.92
CA VAL B 36 1.66 11.96 5.56
C VAL B 36 0.93 11.06 6.54
N SER B 37 1.23 9.77 6.51
CA SER B 37 0.66 8.86 7.50
C SER B 37 1.29 7.46 7.38
N PRO B 38 1.11 6.59 8.35
CA PRO B 38 1.48 5.18 8.16
C PRO B 38 0.66 4.55 7.01
N GLY B 39 1.28 3.59 6.33
CA GLY B 39 0.60 2.82 5.30
C GLY B 39 -0.67 2.25 5.90
N GLY B 40 -1.76 2.36 5.16
CA GLY B 40 -3.01 1.76 5.60
C GLY B 40 -3.93 2.70 6.35
N ALA B 41 -3.51 3.93 6.64
CA ALA B 41 -4.38 4.82 7.39
C ALA B 41 -5.54 5.43 6.56
N GLY B 42 -5.50 5.33 5.21
CA GLY B 42 -6.54 5.88 4.35
C GLY B 42 -6.18 7.09 3.47
N LYS B 43 -4.87 7.35 3.31
CA LYS B 43 -4.41 8.48 2.50
C LYS B 43 -5.06 8.43 1.10
N SER B 44 -4.99 7.26 0.46
CA SER B 44 -5.52 7.07 -0.89
C SER B 44 -7.00 7.37 -0.98
N MET B 45 -7.79 6.96 0.00
CA MET B 45 -9.23 7.36 0.04
C MET B 45 -9.41 8.86 0.17
N LEU B 46 -8.78 9.42 1.20
CA LEU B 46 -8.95 10.81 1.53
C LEU B 46 -8.50 11.70 0.35
N ALA B 47 -7.38 11.33 -0.26
CA ALA B 47 -6.87 12.06 -1.43
C ALA B 47 -7.87 11.95 -2.57
N LEU B 48 -8.42 10.75 -2.79
CA LEU B 48 -9.44 10.58 -3.81
C LEU B 48 -10.62 11.50 -3.56
N GLN B 49 -11.10 11.51 -2.31
CA GLN B 49 -12.22 12.35 -1.94
C GLN B 49 -11.91 13.84 -2.15
N LEU B 50 -10.73 14.25 -1.74
CA LEU B 50 -10.27 15.62 -1.97
C LEU B 50 -10.17 15.97 -3.48
N ALA B 51 -9.57 15.08 -4.25
CA ALA B 51 -9.50 15.20 -5.70
C ALA B 51 -10.91 15.35 -6.27
N ALA B 52 -11.84 14.50 -5.85
CA ALA B 52 -13.17 14.53 -6.45
C ALA B 52 -13.81 15.84 -6.10
N GLN B 53 -13.51 16.33 -4.92
CA GLN B 53 -14.19 17.53 -4.45
C GLN B 53 -13.72 18.74 -5.26
N ILE B 54 -12.41 18.85 -5.50
CA ILE B 54 -11.90 19.99 -6.24
C ILE B 54 -12.37 19.91 -7.69
N ALA B 55 -12.55 18.68 -8.19
CA ALA B 55 -13.08 18.42 -9.53
C ALA B 55 -14.53 18.84 -9.65
N GLY B 56 -15.19 19.11 -8.53
CA GLY B 56 -16.57 19.57 -8.53
C GLY B 56 -17.58 18.67 -7.83
N GLY B 57 -17.12 17.61 -7.15
CA GLY B 57 -17.99 16.83 -6.27
C GLY B 57 -18.21 17.49 -4.91
N PRO B 58 -19.00 16.87 -4.05
CA PRO B 58 -19.43 17.53 -2.81
C PRO B 58 -18.38 17.48 -1.72
N ASP B 59 -18.48 18.40 -0.76
CA ASP B 59 -17.60 18.42 0.41
C ASP B 59 -18.08 17.37 1.46
N LEU B 60 -17.91 16.09 1.12
CA LEU B 60 -18.27 15.03 2.06
C LEU B 60 -17.46 15.06 3.35
N LEU B 61 -16.23 15.53 3.30
CA LEU B 61 -15.43 15.50 4.51
C LEU B 61 -15.75 16.69 5.42
N GLU B 62 -16.50 17.66 4.87
CA GLU B 62 -16.77 18.89 5.60
C GLU B 62 -15.48 19.54 6.10
N VAL B 63 -14.53 19.74 5.19
CA VAL B 63 -13.31 20.52 5.44
C VAL B 63 -13.50 21.97 5.00
N GLY B 64 -14.67 22.24 4.42
CA GLY B 64 -14.96 23.57 3.91
C GLY B 64 -14.90 23.56 2.38
N GLU B 65 -15.62 24.51 1.76
CA GLU B 65 -15.75 24.57 0.31
C GLU B 65 -14.39 24.97 -0.32
N LEU B 66 -14.09 24.38 -1.45
CA LEU B 66 -12.81 24.60 -2.08
C LEU B 66 -12.98 25.01 -3.56
N PRO B 67 -12.15 25.92 -4.07
CA PRO B 67 -12.25 26.31 -5.49
C PRO B 67 -12.17 25.09 -6.40
N THR B 68 -12.98 25.04 -7.47
CA THR B 68 -12.92 23.88 -8.38
C THR B 68 -11.94 24.04 -9.53
N GLY B 69 -11.55 22.92 -10.13
CA GLY B 69 -10.64 22.96 -11.26
C GLY B 69 -10.39 21.53 -11.67
N PRO B 70 -9.85 21.33 -12.89
CA PRO B 70 -9.46 19.97 -13.32
C PRO B 70 -8.41 19.38 -12.38
N VAL B 71 -8.52 18.08 -12.08
CA VAL B 71 -7.60 17.41 -11.18
C VAL B 71 -7.01 16.17 -11.84
N ILE B 72 -5.75 15.88 -11.54
CA ILE B 72 -5.17 14.62 -12.00
C ILE B 72 -4.66 13.80 -10.82
N TYR B 73 -5.17 12.57 -10.70
CA TYR B 73 -4.75 11.71 -9.61
C TYR B 73 -3.83 10.65 -10.22
N LEU B 74 -2.62 10.51 -9.67
CA LEU B 74 -1.69 9.51 -10.18
C LEU B 74 -1.42 8.44 -9.12
N PRO B 75 -2.26 7.42 -9.04
CA PRO B 75 -1.97 6.33 -8.10
C PRO B 75 -0.90 5.36 -8.70
N ALA B 76 0.22 5.18 -8.01
CA ALA B 76 1.27 4.30 -8.53
C ALA B 76 1.43 3.00 -7.72
N GLU B 77 0.56 2.80 -6.74
CA GLU B 77 0.71 1.71 -5.80
C GLU B 77 -0.44 0.76 -5.79
N ASP B 78 -1.62 1.24 -6.15
CA ASP B 78 -2.82 0.38 -6.27
C ASP B 78 -3.16 0.03 -7.69
N PRO B 79 -3.49 -1.23 -7.90
CA PRO B 79 -3.95 -1.69 -9.22
C PRO B 79 -5.31 -1.03 -9.56
N PRO B 80 -5.55 -0.80 -10.85
CA PRO B 80 -6.84 -0.29 -11.32
C PRO B 80 -8.09 -0.84 -10.60
N THR B 81 -8.20 -2.15 -10.43
CA THR B 81 -9.39 -2.75 -9.86
C THR B 81 -9.67 -2.23 -8.44
N ALA B 82 -8.60 -1.90 -7.71
CA ALA B 82 -8.79 -1.33 -6.38
C ALA B 82 -9.35 0.12 -6.49
N ILE B 83 -8.82 0.86 -7.49
CA ILE B 83 -9.32 2.18 -7.71
C ILE B 83 -10.83 2.10 -8.06
N HIS B 84 -11.23 1.16 -8.93
CA HIS B 84 -12.64 0.98 -9.28
C HIS B 84 -13.52 0.77 -8.07
N HIS B 85 -13.05 -0.05 -7.13
CA HIS B 85 -13.82 -0.31 -5.92
C HIS B 85 -14.02 0.93 -5.08
N ARG B 86 -12.95 1.74 -4.90
CA ARG B 86 -13.02 2.94 -4.06
C ARG B 86 -13.96 3.90 -4.71
N LEU B 87 -13.84 4.05 -6.03
CA LEU B 87 -14.73 4.89 -6.79
C LEU B 87 -16.17 4.44 -6.63
N HIS B 88 -16.43 3.16 -6.81
CA HIS B 88 -17.80 2.71 -6.77
C HIS B 88 -18.36 3.04 -5.38
N ALA B 89 -17.56 2.85 -4.35
CA ALA B 89 -18.05 3.05 -2.99
C ALA B 89 -18.37 4.54 -2.76
N LEU B 90 -17.47 5.41 -3.28
CA LEU B 90 -17.62 6.85 -3.21
C LEU B 90 -18.88 7.26 -3.96
N GLY B 91 -19.10 6.59 -5.09
CA GLY B 91 -20.20 6.90 -5.98
C GLY B 91 -21.54 6.83 -5.30
N ALA B 92 -21.70 5.85 -4.39
CA ALA B 92 -22.95 5.72 -3.60
C ALA B 92 -23.33 7.00 -2.81
N HIS B 93 -22.38 7.90 -2.56
CA HIS B 93 -22.55 9.14 -1.78
C HIS B 93 -22.79 10.36 -2.64
N LEU B 94 -22.74 10.18 -3.95
CA LEU B 94 -22.82 11.25 -4.94
C LEU B 94 -24.17 11.17 -5.73
N SER B 95 -24.78 12.33 -6.01
CA SER B 95 -25.95 12.43 -6.89
C SER B 95 -25.51 12.21 -8.33
N ALA B 96 -26.49 11.95 -9.20
CA ALA B 96 -26.17 11.83 -10.62
C ALA B 96 -25.31 13.04 -11.17
N GLU B 97 -25.60 14.26 -10.74
CA GLU B 97 -24.90 15.46 -11.24
C GLU B 97 -23.51 15.57 -10.66
N GLU B 98 -23.37 15.16 -9.41
CA GLU B 98 -22.05 15.19 -8.75
C GLU B 98 -21.09 14.20 -9.44
N ARG B 99 -21.62 12.99 -9.70
CA ARG B 99 -20.89 11.96 -10.41
C ARG B 99 -20.37 12.44 -11.75
N GLN B 100 -21.25 13.09 -12.50
CA GLN B 100 -20.93 13.60 -13.82
C GLN B 100 -19.86 14.68 -13.72
N ALA B 101 -20.02 15.59 -12.74
CA ALA B 101 -19.01 16.64 -12.54
C ALA B 101 -17.65 16.04 -12.22
N VAL B 102 -17.62 15.01 -11.37
CA VAL B 102 -16.37 14.36 -11.05
C VAL B 102 -15.77 13.71 -12.31
N ALA B 103 -16.58 12.94 -13.02
CA ALA B 103 -16.06 12.34 -14.25
C ALA B 103 -15.56 13.39 -15.23
N ASP B 104 -16.22 14.55 -15.35
CA ASP B 104 -15.71 15.59 -16.24
C ASP B 104 -14.35 16.13 -15.74
N GLY B 105 -14.31 16.48 -14.44
CA GLY B 105 -13.17 17.12 -13.85
C GLY B 105 -11.94 16.30 -13.44
N LEU B 106 -12.06 14.98 -13.27
CA LEU B 106 -10.98 14.22 -12.62
C LEU B 106 -10.37 13.19 -13.53
N LEU B 107 -9.08 13.30 -13.82
CA LEU B 107 -8.41 12.25 -14.57
C LEU B 107 -7.65 11.38 -13.57
N ILE B 108 -7.82 10.05 -13.66
CA ILE B 108 -7.03 9.13 -12.85
C ILE B 108 -6.18 8.31 -13.83
N GLN B 109 -4.86 8.42 -13.71
CA GLN B 109 -4.01 7.75 -14.66
C GLN B 109 -3.16 6.78 -13.79
N PRO B 110 -3.54 5.49 -13.72
CA PRO B 110 -2.80 4.52 -12.91
C PRO B 110 -1.38 4.37 -13.44
N LEU B 111 -0.45 4.21 -12.50
CA LEU B 111 0.96 4.13 -12.83
C LEU B 111 1.59 2.91 -12.15
N ILE B 112 0.82 2.01 -11.53
CA ILE B 112 1.45 0.82 -10.88
C ILE B 112 2.33 0.04 -11.90
N GLY B 113 3.56 -0.27 -11.49
CA GLY B 113 4.56 -0.90 -12.34
C GLY B 113 5.22 -0.02 -13.40
N SER B 114 4.77 1.22 -13.59
CA SER B 114 5.31 2.11 -14.65
C SER B 114 6.72 2.63 -14.38
N LEU B 115 7.11 2.67 -13.10
CA LEU B 115 8.47 3.07 -12.69
C LEU B 115 8.78 4.58 -12.97
N PRO B 116 7.87 5.49 -12.67
CA PRO B 116 8.07 6.88 -13.06
C PRO B 116 9.23 7.47 -12.24
N ASN B 117 10.08 8.33 -12.82
CA ASN B 117 11.23 8.85 -12.06
C ASN B 117 11.39 10.32 -12.38
N ILE B 118 11.03 11.18 -11.43
CA ILE B 118 11.03 12.61 -11.69
C ILE B 118 12.41 13.19 -12.00
N MET B 119 13.47 12.40 -11.78
CA MET B 119 14.82 12.89 -11.99
C MET B 119 15.29 12.56 -13.41
N ALA B 120 14.57 11.69 -14.09
CA ALA B 120 14.78 11.41 -15.50
C ALA B 120 14.06 12.48 -16.32
N PRO B 121 14.75 13.07 -17.31
CA PRO B 121 14.16 14.18 -18.09
C PRO B 121 12.83 13.82 -18.80
N GLU B 122 12.71 12.61 -19.30
CA GLU B 122 11.47 12.31 -19.96
C GLU B 122 10.32 12.13 -18.97
N TRP B 123 10.57 11.64 -17.76
CA TRP B 123 9.47 11.63 -16.80
C TRP B 123 9.19 13.00 -16.27
N PHE B 124 10.20 13.84 -16.14
CA PHE B 124 9.95 15.19 -15.70
C PHE B 124 8.99 15.90 -16.69
N ASP B 125 9.35 15.87 -17.97
CA ASP B 125 8.59 16.46 -19.02
C ASP B 125 7.17 15.96 -19.01
N GLY B 126 7.03 14.66 -18.86
CA GLY B 126 5.77 13.99 -18.89
C GLY B 126 4.89 14.38 -17.71
N LEU B 127 5.45 14.47 -16.48
CA LEU B 127 4.70 14.97 -15.33
C LEU B 127 4.36 16.43 -15.58
N LYS B 128 5.28 17.20 -16.16
CA LYS B 128 4.96 18.59 -16.35
C LYS B 128 3.76 18.70 -17.35
N ARG B 129 3.80 17.97 -18.44
CA ARG B 129 2.69 17.98 -19.37
C ARG B 129 1.38 17.53 -18.70
N ALA B 130 1.40 16.51 -17.85
CA ALA B 130 0.20 16.08 -17.16
C ALA B 130 -0.32 17.09 -16.11
N ALA B 131 0.53 17.97 -15.58
CA ALA B 131 0.08 19.04 -14.68
C ALA B 131 -0.62 20.19 -15.47
N GLU B 132 -0.27 20.37 -16.75
CA GLU B 132 -0.75 21.51 -17.50
C GLU B 132 -2.29 21.50 -17.73
N GLY B 133 -2.92 22.57 -17.28
CA GLY B 133 -4.35 22.67 -17.39
C GLY B 133 -5.06 22.13 -16.17
N ARG B 134 -4.33 21.59 -15.21
CA ARG B 134 -4.92 21.07 -14.00
C ARG B 134 -4.68 22.04 -12.85
N ARG B 135 -5.59 22.02 -11.87
CA ARG B 135 -5.49 22.85 -10.67
C ARG B 135 -4.78 22.05 -9.58
N LEU B 136 -5.00 20.74 -9.58
CA LEU B 136 -4.36 19.86 -8.63
C LEU B 136 -3.84 18.57 -9.26
N MET B 137 -2.61 18.25 -8.84
CA MET B 137 -2.02 16.94 -9.11
C MET B 137 -1.69 16.24 -7.80
N VAL B 138 -2.14 14.98 -7.68
CA VAL B 138 -1.89 14.11 -6.51
C VAL B 138 -0.96 12.94 -6.86
N LEU B 139 0.17 12.82 -6.16
CA LEU B 139 1.12 11.73 -6.37
C LEU B 139 0.97 10.73 -5.23
N ASP B 140 0.57 9.50 -5.58
CA ASP B 140 0.22 8.52 -4.54
C ASP B 140 1.06 7.25 -4.72
N THR B 141 2.17 7.07 -3.99
CA THR B 141 2.81 8.04 -3.09
C THR B 141 4.14 8.46 -3.69
N LEU B 142 4.77 9.49 -3.11
CA LEU B 142 6.03 10.01 -3.63
C LEU B 142 7.09 8.95 -3.78
N ARG B 143 7.17 8.01 -2.84
CA ARG B 143 8.18 6.98 -2.95
C ARG B 143 8.30 6.31 -4.35
N ARG B 144 7.18 6.21 -5.09
CA ARG B 144 7.16 5.56 -6.41
C ARG B 144 7.58 6.50 -7.52
N PHE B 145 7.80 7.78 -7.20
CA PHE B 145 8.16 8.73 -8.24
C PHE B 145 9.65 9.10 -8.30
N HIS B 146 10.49 8.40 -7.55
CA HIS B 146 11.89 8.73 -7.51
C HIS B 146 12.63 7.58 -6.85
N ILE B 147 13.93 7.52 -7.13
CA ILE B 147 14.82 6.48 -6.64
C ILE B 147 15.92 7.03 -5.72
N GLU B 148 15.63 8.21 -5.13
CA GLU B 148 16.58 8.77 -4.15
C GLU B 148 16.37 8.27 -2.72
N GLU B 149 17.38 8.48 -1.90
CA GLU B 149 17.30 8.25 -0.47
C GLU B 149 16.42 9.34 0.18
N GLU B 150 15.27 8.94 0.72
CA GLU B 150 14.28 9.87 1.29
C GLU B 150 14.81 10.58 2.55
N ASN B 151 15.82 9.99 3.16
CA ASN B 151 16.46 10.60 4.30
C ASN B 151 17.73 11.43 3.92
N ALA B 152 17.98 11.62 2.61
CA ALA B 152 19.09 12.47 2.19
C ALA B 152 18.51 13.81 1.70
N SER B 153 18.96 14.90 2.31
CA SER B 153 18.28 16.18 2.15
C SER B 153 18.60 16.85 0.80
N GLY B 154 19.84 16.63 0.32
CA GLY B 154 20.27 17.05 -1.00
C GLY B 154 19.42 16.48 -2.13
N PRO B 155 19.47 15.16 -2.32
CA PRO B 155 18.60 14.50 -3.32
C PRO B 155 17.17 14.80 -3.10
N MET B 156 16.71 14.84 -1.85
CA MET B 156 15.30 15.23 -1.69
C MET B 156 15.02 16.71 -2.05
N ALA B 157 15.99 17.61 -1.94
CA ALA B 157 15.77 18.98 -2.36
C ALA B 157 15.62 19.03 -3.89
N GLN B 158 16.33 18.15 -4.59
CA GLN B 158 16.24 18.04 -6.03
C GLN B 158 14.91 17.47 -6.42
N VAL B 159 14.46 16.42 -5.73
CA VAL B 159 13.17 15.83 -6.05
C VAL B 159 12.01 16.81 -5.81
N ILE B 160 12.05 17.52 -4.68
CA ILE B 160 10.96 18.43 -4.35
C ILE B 160 11.04 19.69 -5.19
N GLY B 161 12.24 20.20 -5.36
CA GLY B 161 12.47 21.32 -6.28
C GLY B 161 11.85 21.11 -7.67
N ARG B 162 11.93 19.88 -8.16
CA ARG B 162 11.29 19.59 -9.43
C ARG B 162 9.78 19.71 -9.43
N MET B 163 9.15 19.34 -8.33
CA MET B 163 7.74 19.45 -8.19
C MET B 163 7.38 20.92 -8.06
N GLU B 164 8.25 21.68 -7.36
CA GLU B 164 8.03 23.11 -7.15
C GLU B 164 8.10 23.83 -8.47
N ALA B 165 9.05 23.46 -9.32
CA ALA B 165 9.19 24.02 -10.69
C ALA B 165 7.93 23.76 -11.52
N ILE B 166 7.40 22.53 -11.44
CA ILE B 166 6.17 22.21 -12.14
C ILE B 166 4.97 23.00 -11.57
N ALA B 167 4.81 23.02 -10.25
CA ALA B 167 3.72 23.78 -9.67
C ALA B 167 3.82 25.29 -9.98
N ALA B 168 5.04 25.83 -9.89
CA ALA B 168 5.27 27.26 -10.24
C ALA B 168 4.96 27.61 -11.69
N ASP B 169 5.40 26.79 -12.64
CA ASP B 169 5.18 27.08 -14.03
C ASP B 169 3.74 26.93 -14.44
N THR B 170 3.08 25.87 -13.99
CA THR B 170 1.81 25.48 -14.58
C THR B 170 0.66 26.04 -13.75
N GLY B 171 0.95 26.43 -12.50
CA GLY B 171 -0.08 26.78 -11.53
C GLY B 171 -0.85 25.60 -10.96
N CYS B 172 -0.51 24.39 -11.38
CA CYS B 172 -1.04 23.20 -10.79
C CYS B 172 -0.41 22.91 -9.43
N SER B 173 -1.16 22.99 -8.35
CA SER B 173 -0.62 22.57 -7.04
C SER B 173 -0.28 21.06 -7.10
N ILE B 174 0.81 20.68 -6.45
CA ILE B 174 1.12 19.26 -6.34
C ILE B 174 1.05 18.84 -4.89
N VAL B 175 0.26 17.80 -4.60
CA VAL B 175 0.27 17.20 -3.28
C VAL B 175 0.78 15.76 -3.41
N PHE B 176 1.84 15.43 -2.70
CA PHE B 176 2.25 14.02 -2.66
C PHE B 176 1.87 13.36 -1.33
N LEU B 177 1.45 12.11 -1.43
CA LEU B 177 1.31 11.31 -0.25
C LEU B 177 2.66 10.68 0.10
N HIS B 178 2.84 10.41 1.38
CA HIS B 178 4.06 9.85 1.87
C HIS B 178 3.72 8.85 2.99
N HIS B 179 4.21 7.61 2.88
CA HIS B 179 4.12 6.63 3.96
C HIS B 179 5.19 6.93 5.04
N ALA B 180 4.77 7.14 6.30
CA ALA B 180 5.59 7.40 7.49
C ALA B 180 6.32 6.16 8.05
N VAL B 201 13.33 16.48 7.14
CA VAL B 201 13.51 15.45 6.11
C VAL B 201 12.84 15.94 4.79
N LEU B 202 11.80 15.21 4.41
CA LEU B 202 10.77 15.71 3.54
C LEU B 202 10.05 16.79 4.30
N VAL B 203 9.57 16.49 5.49
CA VAL B 203 8.83 17.52 6.20
C VAL B 203 9.55 18.87 6.25
N ASP B 204 10.85 18.92 6.55
CA ASP B 204 11.51 20.25 6.54
C ASP B 204 11.53 20.87 5.14
N ASN B 205 11.72 20.04 4.09
CA ASN B 205 11.69 20.54 2.71
C ASN B 205 10.30 21.06 2.20
N ILE B 206 9.20 20.98 2.99
CA ILE B 206 7.87 21.41 2.50
C ILE B 206 7.20 22.39 3.47
N ARG B 207 6.30 23.18 2.93
CA ARG B 207 5.68 24.26 3.66
C ARG B 207 4.22 23.93 4.08
N TRP B 208 3.57 22.93 3.47
CA TRP B 208 2.25 22.53 3.90
C TRP B 208 2.25 21.04 4.15
N GLN B 209 1.83 20.64 5.34
CA GLN B 209 1.84 19.25 5.69
C GLN B 209 0.57 18.84 6.38
N SER B 210 -0.12 17.84 5.83
CA SER B 210 -1.25 17.26 6.54
C SER B 210 -0.99 15.80 6.90
N TYR B 211 -1.80 15.26 7.79
CA TYR B 211 -1.60 13.88 8.23
C TYR B 211 -2.92 13.17 8.49
N LEU B 212 -2.81 11.86 8.57
CA LEU B 212 -3.92 11.01 8.98
C LEU B 212 -3.30 10.16 10.07
N SER B 213 -3.99 9.93 11.21
CA SER B 213 -3.64 8.83 12.11
C SER B 213 -4.84 8.06 12.62
N SER B 214 -4.80 6.74 12.39
CA SER B 214 -5.79 5.82 12.91
C SER B 214 -5.96 5.98 14.42
N MET B 215 -7.18 5.83 14.90
CA MET B 215 -7.46 5.99 16.32
C MET B 215 -6.66 4.94 17.14
N THR B 216 -5.86 5.40 18.10
CA THR B 216 -5.10 4.45 18.94
C THR B 216 -5.99 3.89 20.02
N SER B 217 -5.49 2.80 20.63
CA SER B 217 -6.05 2.24 21.86
C SER B 217 -6.31 3.35 22.90
N ALA B 218 -5.33 4.22 23.15
CA ALA B 218 -5.48 5.34 24.09
C ALA B 218 -6.49 6.42 23.69
N GLU B 219 -6.59 6.72 22.39
CA GLU B 219 -7.58 7.69 21.88
C GLU B 219 -9.00 7.11 21.91
N ALA B 220 -9.07 5.79 21.69
CA ALA B 220 -10.31 5.04 21.82
C ALA B 220 -10.87 5.20 23.23
N GLU B 221 -10.04 4.94 24.25
CA GLU B 221 -10.46 5.01 25.66
C GLU B 221 -10.56 6.46 26.12
N GLU B 222 -11.14 7.34 25.31
CA GLU B 222 -11.04 8.78 25.54
C GLU B 222 -12.03 9.59 24.67
N TRP B 223 -12.44 8.99 23.56
CA TRP B 223 -13.55 9.51 22.79
C TRP B 223 -14.71 8.53 22.90
N GLY B 224 -14.48 7.55 23.78
CA GLY B 224 -15.48 6.65 24.29
C GLY B 224 -15.96 5.68 23.25
N VAL B 225 -15.05 5.20 22.41
CA VAL B 225 -15.42 4.18 21.43
C VAL B 225 -14.76 2.89 21.84
N ASP B 226 -15.46 1.77 21.69
CA ASP B 226 -14.87 0.48 22.07
C ASP B 226 -13.59 0.17 21.31
N ASP B 227 -12.73 -0.65 21.90
CA ASP B 227 -11.46 -1.00 21.26
C ASP B 227 -11.67 -1.68 19.92
N ASP B 228 -12.61 -2.64 19.86
CA ASP B 228 -12.90 -3.36 18.62
C ASP B 228 -13.53 -2.48 17.51
N GLN B 229 -13.85 -1.23 17.86
CA GLN B 229 -14.38 -0.23 16.92
C GLN B 229 -13.36 0.88 16.51
N ARG B 230 -12.19 0.96 17.16
CA ARG B 230 -11.23 2.04 16.89
C ARG B 230 -10.79 2.04 15.40
N ARG B 231 -10.93 0.88 14.76
CA ARG B 231 -10.44 0.70 13.39
C ARG B 231 -11.32 1.45 12.37
N PHE B 232 -12.45 1.95 12.88
CA PHE B 232 -13.39 2.71 12.07
C PHE B 232 -13.20 4.23 12.11
N PHE B 233 -12.14 4.74 12.77
CA PHE B 233 -11.90 6.20 12.89
C PHE B 233 -10.45 6.62 12.68
N VAL B 234 -10.26 7.79 12.05
CA VAL B 234 -8.95 8.36 11.76
C VAL B 234 -9.01 9.83 12.01
N ARG B 235 -7.94 10.35 12.60
CA ARG B 235 -7.74 11.76 12.79
C ARG B 235 -7.03 12.40 11.58
N PHE B 236 -7.58 13.54 11.15
CA PHE B 236 -7.04 14.30 10.04
C PHE B 236 -6.77 15.69 10.55
N GLY B 237 -5.57 16.17 10.24
CA GLY B 237 -5.15 17.52 10.60
C GLY B 237 -4.10 18.07 9.64
N VAL B 238 -3.77 19.34 9.87
CA VAL B 238 -2.75 20.06 9.16
C VAL B 238 -1.69 20.31 10.20
N SER B 239 -0.56 19.63 10.09
CA SER B 239 0.48 19.79 11.10
C SER B 239 1.48 20.92 10.73
N LYS B 240 1.46 21.36 9.46
CA LYS B 240 2.31 22.47 9.02
C LYS B 240 1.72 23.32 7.92
N ALA B 241 1.67 24.63 8.19
CA ALA B 241 1.25 25.61 7.19
C ALA B 241 1.72 26.98 7.62
N ASN B 242 1.77 27.90 6.67
CA ASN B 242 2.20 29.27 6.89
C ASN B 242 1.07 30.21 7.18
N TYR B 243 -0.06 29.95 6.51
CA TYR B 243 -1.15 30.95 6.34
C TYR B 243 -2.55 30.37 6.66
N GLY B 244 -3.47 31.25 7.09
CA GLY B 244 -4.88 30.94 7.23
C GLY B 244 -5.33 30.78 8.67
N ALA B 245 -6.63 30.52 8.82
CA ALA B 245 -7.23 30.34 10.14
C ALA B 245 -6.87 28.93 10.55
N PRO B 246 -6.69 28.71 11.86
CA PRO B 246 -6.24 27.39 12.34
C PRO B 246 -7.21 26.29 11.87
N PHE B 247 -6.70 25.12 11.54
CA PHE B 247 -7.57 24.11 11.02
C PHE B 247 -7.73 23.10 12.12
N ALA B 248 -8.94 22.91 12.62
CA ALA B 248 -9.12 21.97 13.72
C ALA B 248 -8.97 20.49 13.27
N ASP B 249 -8.27 19.69 14.08
CA ASP B 249 -8.23 18.25 13.84
C ASP B 249 -9.66 17.70 13.79
N ARG B 250 -9.91 16.83 12.81
CA ARG B 250 -11.22 16.23 12.52
C ARG B 250 -11.14 14.77 12.92
N TRP B 251 -12.23 14.17 13.39
CA TRP B 251 -12.29 12.73 13.33
C TRP B 251 -13.12 12.33 12.11
N PHE B 252 -12.69 11.33 11.36
CA PHE B 252 -13.53 10.73 10.32
C PHE B 252 -13.97 9.28 10.66
N ARG B 253 -15.21 8.91 10.35
CA ARG B 253 -15.67 7.50 10.42
C ARG B 253 -15.42 6.90 9.04
N ARG B 254 -14.89 5.67 8.98
CA ARG B 254 -14.73 4.92 7.73
C ARG B 254 -16.00 4.13 7.41
N HIS B 255 -16.71 4.51 6.35
CA HIS B 255 -17.87 3.75 5.93
C HIS B 255 -17.44 2.68 4.94
N ASP B 256 -18.42 2.02 4.31
CA ASP B 256 -18.17 0.97 3.35
C ASP B 256 -17.21 1.40 2.26
N GLY B 257 -16.37 0.45 1.83
CA GLY B 257 -15.32 0.74 0.87
C GLY B 257 -14.23 1.68 1.38
N GLY B 258 -14.40 2.20 2.61
CA GLY B 258 -13.41 3.05 3.26
C GLY B 258 -13.77 4.53 3.22
N VAL B 259 -14.88 4.87 2.58
CA VAL B 259 -15.29 6.27 2.42
C VAL B 259 -15.37 7.01 3.76
N LEU B 260 -14.79 8.20 3.79
CA LEU B 260 -14.64 8.96 5.03
C LEU B 260 -15.66 10.04 5.12
N LYS B 261 -16.29 10.12 6.29
CA LYS B 261 -17.18 11.23 6.62
C LYS B 261 -16.99 11.64 8.09
N PRO B 262 -17.40 12.87 8.41
CA PRO B 262 -17.28 13.34 9.81
C PRO B 262 -17.84 12.31 10.80
N ALA B 263 -17.15 12.12 11.91
CA ALA B 263 -17.63 11.21 12.93
C ALA B 263 -18.23 12.04 14.06
N VAL B 264 -19.26 11.48 14.70
CA VAL B 264 -19.97 12.17 15.77
C VAL B 264 -19.42 11.59 17.09
N LEU B 265 -18.47 12.29 17.73
CA LEU B 265 -17.77 11.75 18.91
C LEU B 265 -17.88 12.59 20.20
N GLU B 266 -18.46 11.98 21.24
CA GLU B 266 -18.75 12.66 22.51
C GLU B 266 -17.48 13.18 23.21
N ARG B 267 -16.45 12.34 23.44
CA ARG B 267 -15.19 12.77 24.12
C ARG B 267 -15.24 12.71 25.67
N GLN B 268 -14.18 12.18 26.28
CA GLN B 268 -14.27 11.66 27.65
C GLN B 268 -13.52 12.52 28.70
N ARG B 269 -14.22 13.53 29.23
CA ARG B 269 -13.75 14.33 30.37
C ARG B 269 -13.57 13.44 31.59
N LYS B 270 -12.38 12.84 31.77
CA LYS B 270 -12.18 11.88 32.89
C LYS B 270 -12.46 12.43 34.30
N SER B 271 -13.68 12.13 34.79
CA SER B 271 -14.17 12.48 36.13
C SER B 271 -13.70 13.85 36.66
#